data_7AHY
#
_entry.id   7AHY
#
_cell.length_a   42.559
_cell.length_b   23.760
_cell.length_c   55.744
_cell.angle_alpha   90.000
_cell.angle_beta   101.224
_cell.angle_gamma   90.000
#
_symmetry.space_group_name_H-M   'P 1 21 1'
#
loop_
_entity.id
_entity.type
_entity.pdbx_description
1 polymer 'E3 ubiquitin-protein ligase Mdm2'
2 non-polymer 'ZINC ION'
3 water water
#
_entity_poly.entity_id   1
_entity_poly.type   'polypeptide(L)'
_entity_poly.pdbx_seq_one_letter_code
;GSDESMEPSLPLTSVEPCVICQTRPKNGCIVHGRTGHLMACYTCAKKLKKRNKPCPVCREPIQMIVLTYFS
;
_entity_poly.pdbx_strand_id   AAA,BBB
#
loop_
_chem_comp.id
_chem_comp.type
_chem_comp.name
_chem_comp.formula
ZN non-polymer 'ZINC ION' 'Zn 2'
#
# COMPACT_ATOMS: atom_id res chain seq x y z
N SER A 14 -4.99 -2.85 -10.28
CA SER A 14 -5.80 -2.30 -11.40
C SER A 14 -5.27 -0.90 -11.79
N VAL A 15 -5.42 -0.55 -13.07
CA VAL A 15 -4.96 0.75 -13.66
C VAL A 15 -6.08 1.79 -13.57
N GLU A 16 -7.25 1.41 -13.02
CA GLU A 16 -8.43 2.29 -12.88
C GLU A 16 -8.19 3.32 -11.78
N PRO A 17 -9.02 4.38 -11.68
CA PRO A 17 -8.95 5.34 -10.58
C PRO A 17 -9.65 4.87 -9.31
N CYS A 18 -9.61 5.69 -8.25
CA CYS A 18 -10.33 5.46 -6.97
C CYS A 18 -11.78 5.03 -7.24
N VAL A 19 -12.26 4.01 -6.53
CA VAL A 19 -13.61 3.40 -6.78
C VAL A 19 -14.71 4.40 -6.37
N ILE A 20 -14.43 5.28 -5.42
CA ILE A 20 -15.44 6.22 -4.86
C ILE A 20 -15.54 7.46 -5.74
N CYS A 21 -14.47 8.25 -5.83
CA CYS A 21 -14.47 9.57 -6.53
C CYS A 21 -14.26 9.36 -8.04
N GLN A 22 -13.86 8.16 -8.45
CA GLN A 22 -13.69 7.74 -9.87
C GLN A 22 -12.75 8.71 -10.60
N THR A 23 -11.93 9.49 -9.88
CA THR A 23 -11.09 10.56 -10.48
C THR A 23 -9.65 10.47 -9.96
N ARG A 24 -9.45 10.44 -8.64
CA ARG A 24 -8.10 10.43 -8.03
C ARG A 24 -7.54 9.00 -8.13
N PRO A 25 -6.20 8.82 -8.17
CA PRO A 25 -5.60 7.49 -8.33
C PRO A 25 -5.78 6.67 -7.05
N LYS A 26 -5.68 5.34 -7.12
CA LYS A 26 -5.73 4.46 -5.92
C LYS A 26 -4.42 4.63 -5.12
N ASN A 27 -4.36 5.57 -4.17
CA ASN A 27 -3.14 5.84 -3.37
C ASN A 27 -3.43 5.73 -1.87
N GLY A 28 -4.59 5.18 -1.48
CA GLY A 28 -4.98 5.00 -0.07
C GLY A 28 -5.00 3.53 0.32
N CYS A 29 -3.84 2.99 0.71
CA CYS A 29 -3.72 1.57 1.15
C CYS A 29 -4.52 1.48 2.45
N ILE A 30 -5.67 0.80 2.41
CA ILE A 30 -6.39 0.36 3.63
C ILE A 30 -5.61 -0.82 4.18
N VAL A 31 -5.07 -0.67 5.38
CA VAL A 31 -4.15 -1.64 6.03
C VAL A 31 -4.90 -2.27 7.21
N HIS A 32 -5.02 -3.59 7.21
CA HIS A 32 -5.59 -4.35 8.34
C HIS A 32 -4.75 -5.62 8.51
N GLY A 33 -3.83 -5.59 9.48
CA GLY A 33 -2.83 -6.64 9.68
C GLY A 33 -1.66 -6.49 8.73
N ARG A 34 -1.22 -7.60 8.13
CA ARG A 34 -0.03 -7.69 7.25
C ARG A 34 -0.43 -7.47 5.78
N THR A 35 -1.73 -7.49 5.47
CA THR A 35 -2.28 -7.18 4.12
C THR A 35 -2.81 -5.75 4.12
N GLY A 36 -2.75 -5.10 2.95
CA GLY A 36 -3.48 -3.87 2.65
C GLY A 36 -4.32 -4.05 1.41
N HIS A 37 -5.42 -3.30 1.29
CA HIS A 37 -6.31 -3.30 0.11
C HIS A 37 -6.29 -1.91 -0.53
N LEU A 38 -5.76 -1.85 -1.75
CA LEU A 38 -5.55 -0.62 -2.51
C LEU A 38 -6.59 -0.56 -3.63
N MET A 39 -7.68 0.18 -3.37
CA MET A 39 -8.89 0.31 -4.23
C MET A 39 -9.33 1.79 -4.30
N ALA A 40 -9.01 2.57 -3.27
CA ALA A 40 -9.50 3.95 -3.10
C ALA A 40 -8.31 4.91 -3.10
N CYS A 41 -8.58 6.19 -3.34
CA CYS A 41 -7.57 7.28 -3.18
C CYS A 41 -7.45 7.55 -1.68
N TYR A 42 -6.49 8.35 -1.26
CA TYR A 42 -6.21 8.60 0.18
C TYR A 42 -7.37 9.36 0.86
N THR A 43 -7.89 10.39 0.18
CA THR A 43 -8.90 11.33 0.77
C THR A 43 -10.25 10.60 0.92
N CYS A 44 -10.61 9.75 -0.05
CA CYS A 44 -11.82 8.90 0.00
C CYS A 44 -11.63 7.81 1.07
N ALA A 45 -10.42 7.26 1.22
CA ALA A 45 -10.07 6.28 2.27
C ALA A 45 -10.22 6.91 3.66
N LYS A 46 -9.67 8.11 3.87
CA LYS A 46 -9.90 8.90 5.12
C LYS A 46 -11.42 9.07 5.34
N LYS A 47 -12.19 9.47 4.31
CA LYS A 47 -13.65 9.73 4.40
C LYS A 47 -14.37 8.47 4.91
N LEU A 48 -14.00 7.28 4.41
CA LEU A 48 -14.57 5.98 4.86
C LEU A 48 -14.26 5.77 6.34
N LYS A 49 -12.99 5.89 6.74
CA LYS A 49 -12.52 5.65 8.13
C LYS A 49 -13.21 6.64 9.07
N LYS A 50 -13.20 7.92 8.71
CA LYS A 50 -13.83 9.01 9.51
C LYS A 50 -15.30 8.70 9.76
N ARG A 51 -16.03 8.23 8.73
CA ARG A 51 -17.49 7.93 8.83
C ARG A 51 -17.70 6.50 9.37
N ASN A 52 -16.62 5.85 9.83
CA ASN A 52 -16.65 4.52 10.51
C ASN A 52 -17.13 3.44 9.55
N LYS A 53 -16.73 3.51 8.27
CA LYS A 53 -17.11 2.52 7.22
C LYS A 53 -16.06 1.42 7.14
N PRO A 54 -16.44 0.17 6.78
CA PRO A 54 -15.47 -0.90 6.69
C PRO A 54 -14.64 -0.78 5.40
N CYS A 55 -13.65 -1.67 5.21
CA CYS A 55 -12.89 -1.80 3.94
C CYS A 55 -13.86 -2.24 2.84
N PRO A 56 -13.96 -1.51 1.71
CA PRO A 56 -14.85 -1.91 0.63
C PRO A 56 -14.62 -3.34 0.12
N VAL A 57 -13.36 -3.76 0.02
CA VAL A 57 -12.95 -5.09 -0.54
C VAL A 57 -13.44 -6.20 0.38
N CYS A 58 -13.00 -6.24 1.64
CA CYS A 58 -13.23 -7.35 2.62
C CYS A 58 -14.29 -6.98 3.69
N ARG A 59 -14.78 -5.74 3.68
CA ARG A 59 -15.75 -5.20 4.69
C ARG A 59 -15.22 -5.45 6.11
N GLU A 60 -13.88 -5.36 6.27
CA GLU A 60 -13.20 -5.44 7.58
C GLU A 60 -12.83 -4.02 8.00
N PRO A 61 -12.80 -3.70 9.32
CA PRO A 61 -12.48 -2.34 9.76
C PRO A 61 -11.15 -1.78 9.25
N ILE A 62 -11.16 -0.50 8.89
CA ILE A 62 -9.99 0.25 8.35
C ILE A 62 -9.09 0.58 9.54
N GLN A 63 -8.06 -0.23 9.76
CA GLN A 63 -7.17 -0.11 10.95
C GLN A 63 -6.31 1.14 10.77
N MET A 64 -5.83 1.38 9.55
CA MET A 64 -4.98 2.55 9.21
C MET A 64 -4.93 2.70 7.69
N ILE A 65 -4.60 3.91 7.25
CA ILE A 65 -4.58 4.33 5.83
C ILE A 65 -3.18 4.84 5.52
N VAL A 66 -2.64 4.49 4.36
CA VAL A 66 -1.24 4.81 3.98
C VAL A 66 -1.29 5.47 2.62
N LEU A 67 -0.82 6.71 2.58
CA LEU A 67 -0.57 7.45 1.32
C LEU A 67 0.53 6.70 0.57
N THR A 68 0.17 6.11 -0.57
CA THR A 68 1.04 5.21 -1.36
C THR A 68 1.51 5.94 -2.61
N TYR A 69 2.79 5.76 -2.94
CA TYR A 69 3.52 6.42 -4.05
C TYR A 69 4.34 5.35 -4.78
N PHE A 70 4.62 5.54 -6.07
CA PHE A 70 5.36 4.57 -6.93
C PHE A 70 6.55 5.26 -7.61
N GLU B 16 4.71 -3.03 -14.84
CA GLU B 16 5.45 -2.52 -13.64
C GLU B 16 5.82 -3.69 -12.73
N PRO B 17 6.87 -4.48 -13.05
CA PRO B 17 7.31 -5.55 -12.17
C PRO B 17 8.16 -5.04 -11.00
N CYS B 18 8.31 -5.84 -9.94
CA CYS B 18 9.21 -5.57 -8.78
C CYS B 18 10.58 -5.12 -9.30
N VAL B 19 11.16 -4.07 -8.71
CA VAL B 19 12.41 -3.44 -9.22
C VAL B 19 13.60 -4.37 -8.94
N ILE B 20 13.51 -5.23 -7.94
CA ILE B 20 14.64 -6.12 -7.53
C ILE B 20 14.61 -7.38 -8.40
N CYS B 21 13.57 -8.21 -8.29
CA CYS B 21 13.50 -9.53 -8.97
C CYS B 21 13.04 -9.36 -10.44
N GLN B 22 12.53 -8.18 -10.78
CA GLN B 22 12.11 -7.80 -12.17
C GLN B 22 11.11 -8.82 -12.72
N THR B 23 10.41 -9.56 -11.85
CA THR B 23 9.51 -10.66 -12.27
C THR B 23 8.17 -10.60 -11.51
N ARG B 24 8.20 -10.52 -10.18
CA ARG B 24 6.98 -10.55 -9.34
C ARG B 24 6.35 -9.14 -9.36
N PRO B 25 5.02 -9.01 -9.15
CA PRO B 25 4.37 -7.68 -9.20
C PRO B 25 4.78 -6.84 -7.99
N LYS B 26 4.68 -5.51 -8.07
CA LYS B 26 4.91 -4.59 -6.93
C LYS B 26 3.75 -4.74 -5.92
N ASN B 27 3.88 -5.63 -4.93
CA ASN B 27 2.80 -5.88 -3.92
C ASN B 27 3.37 -5.72 -2.50
N GLY B 28 4.59 -5.17 -2.35
CA GLY B 28 5.23 -4.94 -1.04
C GLY B 28 5.29 -3.46 -0.71
N CYS B 29 4.24 -2.91 -0.10
CA CYS B 29 4.20 -1.48 0.34
C CYS B 29 5.26 -1.37 1.43
N ILE B 30 6.36 -0.69 1.14
CA ILE B 30 7.32 -0.23 2.19
C ILE B 30 6.67 0.97 2.86
N VAL B 31 6.39 0.85 4.16
CA VAL B 31 5.61 1.83 4.95
C VAL B 31 6.56 2.46 5.96
N HIS B 32 6.66 3.77 5.97
CA HIS B 32 7.46 4.55 6.95
C HIS B 32 6.65 5.79 7.33
N GLY B 33 5.99 5.73 8.49
CA GLY B 33 4.99 6.73 8.91
C GLY B 33 3.64 6.45 8.25
N ARG B 34 2.99 7.49 7.73
CA ARG B 34 1.65 7.40 7.07
C ARG B 34 1.83 7.28 5.55
N THR B 35 3.05 7.44 5.03
CA THR B 35 3.37 7.28 3.58
C THR B 35 4.00 5.91 3.34
N GLY B 36 3.74 5.33 2.17
CA GLY B 36 4.27 4.02 1.75
C GLY B 36 4.82 4.14 0.35
N HIS B 37 5.88 3.39 0.03
CA HIS B 37 6.52 3.37 -1.30
C HIS B 37 6.37 1.97 -1.90
N LEU B 38 5.63 1.90 -3.01
CA LEU B 38 5.30 0.64 -3.71
C LEU B 38 6.13 0.56 -4.99
N MET B 39 7.26 -0.15 -4.90
CA MET B 39 8.25 -0.36 -6.00
C MET B 39 8.66 -1.83 -6.07
N ALA B 40 8.57 -2.57 -4.96
CA ALA B 40 9.09 -3.95 -4.84
C ALA B 40 7.95 -4.92 -4.60
N CYS B 41 8.17 -6.21 -4.86
CA CYS B 41 7.25 -7.30 -4.49
C CYS B 41 7.41 -7.52 -2.98
N TYR B 42 6.53 -8.31 -2.37
CA TYR B 42 6.53 -8.52 -0.89
C TYR B 42 7.82 -9.26 -0.44
N THR B 43 8.23 -10.32 -1.17
CA THR B 43 9.32 -11.22 -0.73
C THR B 43 10.67 -10.49 -0.83
N CYS B 44 10.85 -9.68 -1.87
CA CYS B 44 12.05 -8.83 -2.06
C CYS B 44 12.04 -7.71 -0.99
N ALA B 45 10.88 -7.16 -0.66
CA ALA B 45 10.70 -6.14 0.40
C ALA B 45 11.08 -6.73 1.77
N LYS B 46 10.60 -7.93 2.10
CA LYS B 46 11.02 -8.67 3.31
C LYS B 46 12.56 -8.82 3.30
N LYS B 47 13.14 -9.27 2.19
CA LYS B 47 14.62 -9.50 2.05
C LYS B 47 15.38 -8.22 2.40
N LEU B 48 14.92 -7.06 1.93
CA LEU B 48 15.54 -5.73 2.22
C LEU B 48 15.49 -5.45 3.72
N LYS B 49 14.30 -5.57 4.32
CA LYS B 49 14.08 -5.27 5.77
C LYS B 49 14.91 -6.22 6.61
N LYS B 50 14.82 -7.52 6.31
CA LYS B 50 15.57 -8.61 6.98
C LYS B 50 17.06 -8.26 7.02
N ARG B 51 17.62 -7.74 5.92
CA ARG B 51 19.08 -7.47 5.82
C ARG B 51 19.38 -6.05 6.29
N ASN B 52 18.39 -5.34 6.84
CA ASN B 52 18.50 -3.95 7.38
C ASN B 52 18.89 -2.96 6.27
N LYS B 53 18.49 -3.21 5.01
CA LYS B 53 18.65 -2.27 3.86
C LYS B 53 17.54 -1.21 3.96
N PRO B 54 17.76 0.08 3.58
CA PRO B 54 16.74 1.16 3.64
C PRO B 54 15.71 1.04 2.50
N CYS B 55 14.70 1.93 2.46
CA CYS B 55 13.73 2.02 1.33
C CYS B 55 14.48 2.42 0.06
N PRO B 56 14.38 1.64 -1.04
CA PRO B 56 15.03 1.99 -2.30
C PRO B 56 14.69 3.41 -2.80
N VAL B 57 13.43 3.82 -2.68
CA VAL B 57 12.92 5.13 -3.20
C VAL B 57 13.57 6.28 -2.42
N CYS B 58 13.36 6.35 -1.10
CA CYS B 58 13.74 7.50 -0.23
C CYS B 58 14.95 7.19 0.67
N ARG B 59 15.46 5.96 0.63
CA ARG B 59 16.61 5.46 1.45
C ARG B 59 16.33 5.74 2.93
N GLU B 60 15.06 5.64 3.32
CA GLU B 60 14.60 5.78 4.73
C GLU B 60 14.32 4.39 5.27
N PRO B 61 14.47 4.16 6.60
CA PRO B 61 14.25 2.84 7.19
C PRO B 61 12.87 2.23 6.91
N ILE B 62 12.87 0.92 6.63
CA ILE B 62 11.64 0.13 6.35
C ILE B 62 11.01 -0.18 7.71
N GLN B 63 10.03 0.60 8.11
CA GLN B 63 9.31 0.43 9.40
C GLN B 63 8.46 -0.85 9.33
N MET B 64 7.89 -1.14 8.17
CA MET B 64 6.79 -2.11 8.02
C MET B 64 6.62 -2.44 6.54
N ILE B 65 6.28 -3.68 6.21
CA ILE B 65 6.01 -4.16 4.82
C ILE B 65 4.58 -4.69 4.80
N VAL B 66 3.83 -4.37 3.75
CA VAL B 66 2.39 -4.68 3.65
C VAL B 66 2.15 -5.37 2.31
N LEU B 67 1.66 -6.61 2.39
CA LEU B 67 1.19 -7.38 1.23
C LEU B 67 -0.05 -6.66 0.68
N THR B 68 0.08 -6.08 -0.51
CA THR B 68 -0.93 -5.19 -1.11
C THR B 68 -1.64 -5.95 -2.23
N TYR B 69 -2.97 -5.78 -2.27
CA TYR B 69 -3.91 -6.43 -3.20
C TYR B 69 -4.89 -5.35 -3.70
N PHE B 70 -5.42 -5.50 -4.92
CA PHE B 70 -6.41 -4.55 -5.49
C PHE B 70 -7.81 -5.19 -5.51
N SER B 71 -8.84 -4.34 -5.60
CA SER B 71 -10.27 -4.66 -5.31
C SER B 71 -10.67 -6.00 -5.95
ZN ZN C . -11.11 8.90 -4.33
ZN ZN D . -9.81 -4.80 3.03
ZN ZN E . 10.73 -8.84 -6.10
ZN ZN F . 10.43 5.05 0.98
#